data_7HO1
#
_entry.id   7HO1
#
_cell.length_a   95.468
_cell.length_b   95.468
_cell.length_c   45.616
_cell.angle_alpha   90.000
_cell.angle_beta   90.000
_cell.angle_gamma   90.000
#
_symmetry.space_group_name_H-M   'I 4'
#
loop_
_entity.id
_entity.type
_entity.pdbx_description
1 polymer 'E3 ubiquitin-protein ligase TRIM21'
2 non-polymer 1,2-ETHANEDIOL
3 non-polymer N-[(1R)-1-(1,5-dimethyl-1H-pyrazol-4-yl)ethyl]methanesulfonamide
4 non-polymer 'SULFATE ION'
5 water water
#
_entity_poly.entity_id   1
_entity_poly.type   'polypeptide(L)'
_entity_poly.pdbx_seq_one_letter_code
;MHHHHHHMVHITLDRNTANSWLIISKDRRQVRMGDTHQNVSDNKERFSNYPMVLGAQRFSSGKMYWEVDVTQKEAWDLGV
CRDSVQRKGQFSLSPENGFWTIWLWQDSYEAGTSPQTTLHIQVPPCQIGIFVDYEAGVVSFYNITDHGSLIYTFSECVFA
GPLRPFFNVGFNYSGGNAAPLKLCPLKM
;
_entity_poly.pdbx_strand_id   B
#
loop_
_chem_comp.id
_chem_comp.type
_chem_comp.name
_chem_comp.formula
A1BFZ non-polymer N-[(1R)-1-(1,5-dimethyl-1H-pyrazol-4-yl)ethyl]methanesulfonamide 'C8 H15 N3 O2 S'
EDO non-polymer 1,2-ETHANEDIOL 'C2 H6 O2'
SO4 non-polymer 'SULFATE ION' 'O4 S -2'
#
# COMPACT_ATOMS: atom_id res chain seq x y z
N HIS A 2 -8.66 -7.96 16.26
CA HIS A 2 -7.42 -8.81 16.08
C HIS A 2 -6.44 -8.53 17.22
N HIS A 3 -5.42 -9.37 17.36
CA HIS A 3 -4.36 -9.27 18.39
C HIS A 3 -2.96 -9.25 17.74
N HIS A 4 -2.81 -8.60 16.58
CA HIS A 4 -1.56 -8.58 15.75
C HIS A 4 -0.70 -7.35 16.09
N HIS A 5 -1.22 -6.42 16.90
CA HIS A 5 -0.59 -5.10 17.19
C HIS A 5 0.85 -5.26 17.69
N HIS A 6 1.18 -6.31 18.46
CA HIS A 6 2.53 -6.51 19.05
C HIS A 6 3.59 -6.85 17.99
N HIS A 7 3.22 -7.16 16.74
CA HIS A 7 4.19 -7.34 15.61
C HIS A 7 4.43 -6.03 14.90
N MET A 8 4.04 -4.91 15.50
CA MET A 8 4.17 -3.57 14.88
C MET A 8 5.61 -3.33 14.43
N VAL A 9 5.78 -2.80 13.23
CA VAL A 9 7.08 -2.41 12.65
C VAL A 9 7.00 -0.92 12.25
N HIS A 10 8.12 -0.21 12.34
CA HIS A 10 8.21 1.22 11.98
C HIS A 10 8.56 1.31 10.50
N ILE A 11 7.58 1.61 9.67
CA ILE A 11 7.81 1.71 8.21
C ILE A 11 8.19 3.15 7.85
N THR A 12 9.11 3.27 6.92
CA THR A 12 9.45 4.59 6.31
C THR A 12 9.43 4.43 4.80
N LEU A 13 9.15 5.54 4.09
CA LEU A 13 9.01 5.50 2.63
C LEU A 13 10.38 5.67 1.96
N ASP A 14 10.60 4.98 0.88
CA ASP A 14 11.86 5.00 0.09
C ASP A 14 11.66 5.98 -1.10
N ARG A 15 12.21 7.20 -0.93
N ARG A 15 12.20 7.19 -0.96
CA ARG A 15 12.17 8.33 -1.90
CA ARG A 15 12.07 8.31 -1.94
C ARG A 15 12.59 7.87 -3.30
C ARG A 15 12.59 7.87 -3.32
N ASN A 16 13.59 7.00 -3.37
CA ASN A 16 14.16 6.59 -4.66
C ASN A 16 13.17 5.81 -5.53
N THR A 17 12.16 5.18 -4.89
CA THR A 17 11.16 4.35 -5.58
C THR A 17 9.94 5.19 -6.01
N ALA A 18 9.83 6.38 -5.49
CA ALA A 18 8.61 7.20 -5.66
C ALA A 18 8.43 7.63 -7.11
N ASN A 19 7.23 7.61 -7.60
CA ASN A 19 6.88 8.39 -8.80
C ASN A 19 7.36 9.84 -8.59
N SER A 20 7.78 10.46 -9.69
CA SER A 20 8.41 11.80 -9.68
C SER A 20 7.42 12.90 -9.30
N TRP A 21 6.12 12.69 -9.21
CA TRP A 21 5.18 13.74 -8.76
C TRP A 21 4.90 13.65 -7.27
N LEU A 22 5.46 12.62 -6.57
CA LEU A 22 5.14 12.45 -5.14
C LEU A 22 5.99 13.39 -4.28
N ILE A 23 5.41 13.77 -3.18
CA ILE A 23 6.07 14.56 -2.12
C ILE A 23 6.02 13.75 -0.83
N ILE A 24 7.20 13.34 -0.39
CA ILE A 24 7.36 12.56 0.87
C ILE A 24 7.81 13.48 1.98
N SER A 25 7.22 13.43 3.14
CA SER A 25 7.56 14.31 4.26
C SER A 25 9.00 14.03 4.74
N LYS A 26 9.53 15.02 5.49
CA LYS A 26 10.89 14.93 6.08
C LYS A 26 11.07 13.64 6.88
N ASP A 27 10.07 13.29 7.68
CA ASP A 27 10.15 12.06 8.54
C ASP A 27 9.94 10.78 7.71
N ARG A 28 9.70 10.86 6.40
CA ARG A 28 9.45 9.71 5.51
C ARG A 28 8.26 8.88 6.01
N ARG A 29 7.31 9.49 6.63
CA ARG A 29 6.09 8.81 7.13
C ARG A 29 4.82 9.23 6.41
N GLN A 30 4.85 10.26 5.57
CA GLN A 30 3.69 10.74 4.82
C GLN A 30 4.03 10.94 3.35
N VAL A 31 3.05 10.75 2.49
CA VAL A 31 3.25 10.94 1.04
C VAL A 31 1.96 11.48 0.45
N ARG A 32 2.08 12.46 -0.43
CA ARG A 32 0.94 12.97 -1.23
C ARG A 32 1.37 13.24 -2.67
N MET A 33 0.33 13.38 -3.49
N MET A 33 0.41 13.26 -3.59
CA MET A 33 0.43 13.73 -4.93
CA MET A 33 0.73 13.57 -5.02
C MET A 33 0.71 15.24 -5.04
C MET A 33 0.68 15.09 -5.21
N GLY A 34 1.84 15.61 -5.65
CA GLY A 34 2.04 17.03 -5.97
C GLY A 34 1.29 17.41 -7.23
N ASP A 35 1.19 18.73 -7.47
CA ASP A 35 0.43 19.23 -8.66
C ASP A 35 1.37 19.29 -9.88
N THR A 36 2.62 18.86 -9.79
CA THR A 36 3.63 18.88 -10.88
C THR A 36 4.76 17.90 -10.62
N HIS A 37 5.69 17.73 -11.56
CA HIS A 37 6.95 16.99 -11.36
C HIS A 37 7.74 17.62 -10.22
N GLN A 38 8.29 16.81 -9.31
CA GLN A 38 8.93 17.31 -8.08
C GLN A 38 10.44 17.52 -8.24
N ASN A 39 10.94 17.59 -9.47
CA ASN A 39 12.31 18.10 -9.75
C ASN A 39 13.37 17.14 -9.27
N VAL A 40 13.10 15.85 -9.39
CA VAL A 40 14.04 14.74 -9.12
C VAL A 40 14.52 14.13 -10.45
N SER A 41 15.71 13.53 -10.45
CA SER A 41 16.21 12.75 -11.60
C SER A 41 15.44 11.46 -11.74
N ASP A 42 15.37 10.91 -12.92
CA ASP A 42 14.74 9.60 -13.16
C ASP A 42 15.72 8.50 -12.73
N ASN A 43 15.19 7.32 -12.41
CA ASN A 43 16.02 6.12 -12.11
C ASN A 43 15.16 4.89 -12.34
N LYS A 44 15.78 3.72 -12.37
CA LYS A 44 15.09 2.48 -12.79
C LYS A 44 14.13 1.99 -11.69
N GLU A 45 14.27 2.48 -10.48
CA GLU A 45 13.38 2.10 -9.33
C GLU A 45 12.02 2.82 -9.39
N ARG A 46 11.91 4.02 -9.98
CA ARG A 46 10.69 4.83 -9.83
C ARG A 46 9.53 4.22 -10.57
N PHE A 47 8.37 4.14 -9.92
CA PHE A 47 7.13 3.80 -10.63
C PHE A 47 6.80 4.94 -11.62
N SER A 48 6.71 4.65 -12.91
CA SER A 48 6.57 5.72 -13.95
C SER A 48 5.12 6.07 -14.21
N ASN A 49 4.17 5.15 -14.18
CA ASN A 49 2.82 5.38 -14.76
C ASN A 49 1.78 5.72 -13.70
N TYR A 50 2.08 5.48 -12.42
CA TYR A 50 1.09 5.63 -11.32
C TYR A 50 1.77 6.27 -10.11
N PRO A 51 0.98 6.92 -9.22
CA PRO A 51 1.52 7.62 -8.06
C PRO A 51 1.88 6.70 -6.86
N MET A 52 2.82 5.78 -7.15
CA MET A 52 3.20 4.67 -6.25
C MET A 52 4.55 4.92 -5.66
N VAL A 53 4.77 4.31 -4.49
CA VAL A 53 6.03 4.35 -3.71
C VAL A 53 6.11 3.08 -2.86
N LEU A 54 7.32 2.65 -2.54
CA LEU A 54 7.55 1.50 -1.65
C LEU A 54 8.05 1.96 -0.30
N GLY A 55 7.80 1.16 0.74
CA GLY A 55 8.56 1.24 2.00
C GLY A 55 10.02 0.88 1.82
N ALA A 56 10.89 1.39 2.67
CA ALA A 56 12.34 1.07 2.62
C ALA A 56 12.59 -0.33 3.18
N GLN A 57 11.74 -0.79 4.07
CA GLN A 57 11.92 -2.09 4.76
C GLN A 57 11.70 -3.25 3.78
N ARG A 58 12.49 -4.30 3.91
CA ARG A 58 12.35 -5.57 3.17
C ARG A 58 12.11 -6.69 4.17
N PHE A 59 11.13 -7.52 3.91
CA PHE A 59 10.77 -8.62 4.83
C PHE A 59 10.85 -9.95 4.10
N SER A 60 11.57 -10.92 4.68
N SER A 60 11.56 -10.93 4.68
CA SER A 60 11.78 -12.27 4.09
CA SER A 60 11.71 -12.29 4.11
C SER A 60 11.39 -13.38 5.08
C SER A 60 11.43 -13.35 5.18
N SER A 61 10.95 -13.01 6.30
N SER A 61 10.79 -12.98 6.27
CA SER A 61 10.52 -13.94 7.36
CA SER A 61 10.52 -13.90 7.38
C SER A 61 9.60 -13.23 8.36
C SER A 61 9.68 -13.20 8.46
N GLY A 62 8.96 -13.98 9.25
CA GLY A 62 8.33 -13.41 10.45
C GLY A 62 6.95 -12.83 10.19
N LYS A 63 6.48 -12.17 11.23
CA LYS A 63 5.17 -11.52 11.28
C LYS A 63 5.40 -10.03 11.42
N MET A 64 4.71 -9.22 10.63
CA MET A 64 4.85 -7.75 10.59
C MET A 64 3.47 -7.12 10.56
N TYR A 65 3.32 -5.97 11.17
CA TYR A 65 2.04 -5.23 11.24
C TYR A 65 2.34 -3.75 11.14
N TRP A 66 1.55 -3.02 10.35
CA TRP A 66 1.59 -1.53 10.35
C TRP A 66 0.20 -0.99 10.04
N GLU A 67 0.05 0.31 10.26
CA GLU A 67 -1.23 1.03 10.01
C GLU A 67 -1.02 2.28 9.15
N VAL A 68 -2.01 2.53 8.31
CA VAL A 68 -2.00 3.65 7.37
C VAL A 68 -3.28 4.43 7.50
N ASP A 69 -3.12 5.76 7.59
CA ASP A 69 -4.25 6.72 7.61
C ASP A 69 -4.63 7.09 6.18
N VAL A 70 -5.91 6.92 5.85
CA VAL A 70 -6.49 7.21 4.50
C VAL A 70 -7.59 8.29 4.56
N THR A 71 -7.66 9.02 5.67
CA THR A 71 -8.71 10.06 5.90
C THR A 71 -8.88 10.96 4.66
N GLN A 72 -10.13 11.10 4.29
CA GLN A 72 -10.70 11.98 3.23
C GLN A 72 -10.18 11.67 1.83
N LYS A 73 -9.51 10.57 1.59
CA LYS A 73 -9.15 10.18 0.22
C LYS A 73 -10.30 9.52 -0.53
N GLU A 74 -10.35 9.74 -1.81
CA GLU A 74 -11.31 9.15 -2.74
C GLU A 74 -10.75 7.89 -3.42
N ALA A 75 -9.43 7.75 -3.51
CA ALA A 75 -8.81 6.63 -4.23
C ALA A 75 -7.42 6.40 -3.66
N TRP A 76 -7.04 5.11 -3.55
CA TRP A 76 -5.71 4.67 -3.05
C TRP A 76 -5.61 3.17 -3.20
N ASP A 77 -4.40 2.69 -3.23
CA ASP A 77 -4.09 1.23 -3.12
C ASP A 77 -3.15 1.05 -1.93
N LEU A 78 -3.26 -0.05 -1.19
CA LEU A 78 -2.38 -0.37 -0.05
C LEU A 78 -2.13 -1.88 -0.01
N GLY A 79 -0.90 -2.23 0.38
CA GLY A 79 -0.62 -3.63 0.74
C GLY A 79 0.87 -3.86 0.79
N VAL A 80 1.28 -4.99 0.19
N VAL A 80 1.30 -4.94 0.17
CA VAL A 80 2.70 -5.37 0.01
CA VAL A 80 2.72 -5.38 0.18
C VAL A 80 2.94 -5.83 -1.43
C VAL A 80 2.98 -5.96 -1.21
N CYS A 81 4.20 -5.85 -1.76
CA CYS A 81 4.57 -6.38 -3.06
C CYS A 81 5.97 -6.99 -3.02
N ARG A 82 6.25 -7.81 -4.02
N ARG A 82 6.25 -7.85 -4.00
CA ARG A 82 7.64 -8.30 -4.19
CA ARG A 82 7.61 -8.42 -4.21
C ARG A 82 8.60 -7.15 -4.42
C ARG A 82 8.60 -7.29 -4.56
N ASP A 83 9.83 -7.33 -4.01
CA ASP A 83 10.87 -6.33 -4.33
C ASP A 83 11.06 -6.26 -5.84
N SER A 84 10.81 -7.31 -6.60
CA SER A 84 11.09 -7.45 -8.05
C SER A 84 9.93 -6.99 -8.96
N VAL A 85 8.85 -6.40 -8.41
CA VAL A 85 7.74 -5.96 -9.29
C VAL A 85 8.23 -4.99 -10.36
N GLN A 86 7.58 -5.09 -11.51
CA GLN A 86 7.69 -4.10 -12.62
C GLN A 86 7.48 -2.68 -12.10
N ARG A 87 8.32 -1.76 -12.55
CA ARG A 87 8.23 -0.31 -12.18
C ARG A 87 7.69 0.51 -13.35
N LYS A 88 7.96 0.11 -14.59
CA LYS A 88 7.75 0.99 -15.79
C LYS A 88 6.57 0.49 -16.59
N GLY A 89 5.77 1.38 -17.15
CA GLY A 89 4.66 0.95 -18.01
C GLY A 89 3.42 0.59 -17.22
N GLN A 90 2.47 0.03 -17.95
CA GLN A 90 1.15 -0.35 -17.43
C GLN A 90 1.19 -1.77 -16.89
N PHE A 91 0.48 -1.99 -15.79
CA PHE A 91 0.32 -3.33 -15.20
C PHE A 91 -0.88 -3.34 -14.26
N SER A 92 -1.45 -4.52 -14.00
N SER A 92 -1.39 -4.54 -14.01
CA SER A 92 -2.54 -4.66 -13.01
CA SER A 92 -2.49 -4.82 -13.05
C SER A 92 -1.97 -5.18 -11.70
C SER A 92 -1.89 -5.13 -11.67
N LEU A 93 -2.60 -4.75 -10.61
CA LEU A 93 -2.27 -5.22 -9.27
C LEU A 93 -2.89 -6.57 -9.06
N SER A 94 -2.05 -7.61 -9.00
CA SER A 94 -2.52 -9.00 -8.84
C SER A 94 -1.43 -9.80 -8.16
N PRO A 95 -1.74 -10.91 -7.54
CA PRO A 95 -0.71 -11.79 -6.99
C PRO A 95 0.18 -12.35 -8.10
N GLU A 96 -0.36 -12.61 -9.29
CA GLU A 96 0.47 -13.09 -10.41
C GLU A 96 1.56 -12.07 -10.75
N ASN A 97 1.31 -10.77 -10.60
CA ASN A 97 2.30 -9.70 -10.86
C ASN A 97 3.07 -9.32 -9.61
N GLY A 98 2.90 -10.02 -8.49
CA GLY A 98 3.67 -9.78 -7.26
C GLY A 98 3.12 -8.75 -6.30
N PHE A 99 1.77 -8.55 -6.33
CA PHE A 99 1.10 -7.58 -5.42
C PHE A 99 -0.01 -8.24 -4.59
N TRP A 100 -0.09 -7.90 -3.32
CA TRP A 100 -1.17 -8.31 -2.41
C TRP A 100 -1.72 -7.04 -1.80
N THR A 101 -2.84 -6.56 -2.37
CA THR A 101 -3.32 -5.18 -2.16
C THR A 101 -4.86 -5.16 -2.05
N ILE A 102 -5.33 -4.07 -1.44
CA ILE A 102 -6.78 -3.66 -1.51
C ILE A 102 -6.78 -2.20 -1.99
N TRP A 103 -7.95 -1.74 -2.42
CA TRP A 103 -8.07 -0.35 -2.87
C TRP A 103 -9.44 0.18 -2.64
N LEU A 104 -9.51 1.52 -2.69
CA LEU A 104 -10.75 2.31 -2.82
C LEU A 104 -10.74 2.98 -4.19
N TRP A 105 -11.86 2.88 -4.89
CA TRP A 105 -12.00 3.50 -6.22
C TRP A 105 -13.49 3.72 -6.47
N GLN A 106 -13.91 4.96 -6.78
CA GLN A 106 -15.32 5.23 -7.18
C GLN A 106 -16.26 4.65 -6.15
N ASP A 107 -16.03 4.96 -4.90
CA ASP A 107 -16.98 4.68 -3.81
C ASP A 107 -17.15 3.18 -3.56
N SER A 108 -16.25 2.33 -4.05
CA SER A 108 -16.24 0.88 -3.69
C SER A 108 -14.84 0.46 -3.27
N TYR A 109 -14.79 -0.52 -2.39
CA TYR A 109 -13.54 -1.18 -1.92
C TYR A 109 -13.43 -2.54 -2.58
N GLU A 110 -12.23 -2.86 -3.08
N GLU A 110 -12.24 -2.84 -3.11
CA GLU A 110 -11.98 -4.16 -3.78
CA GLU A 110 -11.93 -4.12 -3.80
C GLU A 110 -10.59 -4.70 -3.42
C GLU A 110 -10.62 -4.70 -3.26
N ALA A 111 -10.47 -6.03 -3.37
CA ALA A 111 -9.17 -6.68 -3.22
C ALA A 111 -8.59 -6.92 -4.60
N GLY A 112 -7.27 -6.72 -4.72
CA GLY A 112 -6.50 -6.85 -5.96
C GLY A 112 -6.22 -8.30 -6.31
N THR A 113 -7.23 -9.15 -6.40
CA THR A 113 -7.16 -10.44 -7.08
C THR A 113 -7.35 -10.26 -8.58
N SER A 114 -7.21 -11.33 -9.37
CA SER A 114 -7.46 -11.26 -10.82
C SER A 114 -8.52 -12.30 -11.20
N PRO A 115 -9.78 -11.90 -11.48
CA PRO A 115 -10.23 -10.51 -11.45
C PRO A 115 -10.47 -10.05 -9.99
N GLN A 116 -10.65 -8.76 -9.81
CA GLN A 116 -10.79 -8.13 -8.48
C GLN A 116 -12.02 -8.67 -7.73
N THR A 117 -11.95 -8.62 -6.42
CA THR A 117 -12.99 -9.13 -5.52
C THR A 117 -13.64 -7.96 -4.78
N THR A 118 -14.97 -7.93 -4.77
CA THR A 118 -15.75 -6.95 -4.01
C THR A 118 -15.54 -7.13 -2.51
N LEU A 119 -15.29 -6.06 -1.77
CA LEU A 119 -15.18 -6.06 -0.32
C LEU A 119 -16.52 -5.58 0.26
N HIS A 120 -16.80 -5.93 1.49
CA HIS A 120 -18.07 -5.64 2.20
C HIS A 120 -17.68 -4.85 3.44
N ILE A 121 -17.68 -3.55 3.34
CA ILE A 121 -17.25 -2.65 4.45
C ILE A 121 -18.47 -1.77 4.80
N GLN A 122 -18.94 -1.86 6.02
CA GLN A 122 -20.13 -1.08 6.47
C GLN A 122 -19.69 0.28 6.99
N VAL A 123 -18.49 0.37 7.57
CA VAL A 123 -17.94 1.62 8.19
C VAL A 123 -16.74 2.07 7.38
N PRO A 124 -16.83 3.08 6.50
CA PRO A 124 -15.67 3.45 5.68
C PRO A 124 -14.46 3.71 6.55
N PRO A 125 -13.32 3.04 6.31
CA PRO A 125 -12.17 3.17 7.18
C PRO A 125 -11.45 4.52 7.01
N CYS A 126 -11.01 5.07 8.13
CA CYS A 126 -10.03 6.20 8.13
C CYS A 126 -8.62 5.70 8.37
N GLN A 127 -8.45 4.53 9.01
N GLN A 127 -8.52 4.45 8.83
CA GLN A 127 -7.11 3.86 9.14
CA GLN A 127 -7.23 3.82 9.19
C GLN A 127 -7.25 2.36 8.89
C GLN A 127 -7.32 2.34 8.80
N ILE A 128 -6.25 1.83 8.18
CA ILE A 128 -6.18 0.43 7.69
C ILE A 128 -4.99 -0.18 8.42
N GLY A 129 -5.17 -1.39 9.00
CA GLY A 129 -4.08 -2.24 9.50
C GLY A 129 -3.72 -3.33 8.51
N ILE A 130 -2.42 -3.53 8.30
CA ILE A 130 -1.88 -4.54 7.33
C ILE A 130 -1.00 -5.51 8.11
N PHE A 131 -1.35 -6.79 8.02
CA PHE A 131 -0.62 -7.87 8.73
C PHE A 131 -0.07 -8.82 7.69
N VAL A 132 1.22 -9.14 7.79
CA VAL A 132 1.92 -10.12 6.92
C VAL A 132 2.49 -11.22 7.81
N ASP A 133 2.14 -12.44 7.48
CA ASP A 133 2.80 -13.64 8.09
C ASP A 133 3.55 -14.32 6.95
N TYR A 134 4.87 -14.09 6.90
CA TYR A 134 5.67 -14.57 5.75
C TYR A 134 5.62 -16.10 5.62
N GLU A 135 5.85 -16.76 6.73
CA GLU A 135 5.96 -18.25 6.71
C GLU A 135 4.61 -18.85 6.38
N ALA A 136 3.51 -18.33 6.91
CA ALA A 136 2.16 -18.85 6.65
C ALA A 136 1.69 -18.51 5.23
N GLY A 137 2.25 -17.52 4.54
CA GLY A 137 1.76 -17.05 3.25
C GLY A 137 0.42 -16.31 3.40
N VAL A 138 0.36 -15.38 4.35
CA VAL A 138 -0.91 -14.62 4.63
C VAL A 138 -0.62 -13.13 4.58
N VAL A 139 -1.56 -12.41 3.96
CA VAL A 139 -1.65 -10.92 4.05
C VAL A 139 -3.09 -10.58 4.45
N SER A 140 -3.27 -9.90 5.56
CA SER A 140 -4.63 -9.53 6.04
C SER A 140 -4.71 -8.03 6.25
N PHE A 141 -5.93 -7.53 6.09
CA PHE A 141 -6.29 -6.11 6.15
C PHE A 141 -7.39 -5.97 7.19
N TYR A 142 -7.28 -4.93 8.02
CA TYR A 142 -8.19 -4.69 9.17
C TYR A 142 -8.67 -3.24 9.10
N ASN A 143 -9.91 -3.06 9.55
CA ASN A 143 -10.60 -1.74 9.59
C ASN A 143 -10.39 -1.15 10.99
N ILE A 144 -9.43 -0.26 11.22
CA ILE A 144 -9.11 0.22 12.58
C ILE A 144 -10.29 1.09 13.07
N THR A 145 -10.97 1.79 12.18
CA THR A 145 -12.13 2.68 12.52
C THR A 145 -13.24 1.81 13.10
N ASP A 146 -13.42 0.59 12.62
CA ASP A 146 -14.48 -0.34 13.10
C ASP A 146 -13.90 -1.41 14.04
N HIS A 147 -13.18 -1.01 15.08
CA HIS A 147 -12.73 -1.93 16.16
C HIS A 147 -11.88 -3.05 15.56
N GLY A 148 -11.13 -2.79 14.50
CA GLY A 148 -10.19 -3.80 13.96
C GLY A 148 -10.86 -4.89 13.16
N SER A 149 -12.06 -4.72 12.68
CA SER A 149 -12.78 -5.81 11.96
C SER A 149 -11.99 -6.22 10.71
N LEU A 150 -12.06 -7.49 10.35
CA LEU A 150 -11.39 -8.02 9.13
C LEU A 150 -12.01 -7.43 7.88
N ILE A 151 -11.16 -6.97 6.96
CA ILE A 151 -11.55 -6.56 5.62
C ILE A 151 -11.34 -7.67 4.60
N TYR A 152 -10.11 -8.25 4.59
CA TYR A 152 -9.75 -9.24 3.56
C TYR A 152 -8.51 -10.01 4.01
N THR A 153 -8.47 -11.30 3.69
CA THR A 153 -7.27 -12.15 3.85
C THR A 153 -6.93 -12.81 2.54
N PHE A 154 -5.69 -12.53 2.05
CA PHE A 154 -5.03 -13.35 1.02
C PHE A 154 -4.33 -14.50 1.76
N SER A 155 -4.68 -15.73 1.39
CA SER A 155 -3.98 -16.91 1.93
C SER A 155 -3.41 -17.70 0.77
N GLU A 156 -2.55 -18.68 1.12
CA GLU A 156 -1.82 -19.46 0.09
C GLU A 156 -1.00 -18.52 -0.80
N CYS A 157 -0.46 -17.45 -0.20
CA CYS A 157 0.35 -16.48 -0.98
C CYS A 157 1.66 -17.13 -1.43
N VAL A 158 2.07 -16.85 -2.64
CA VAL A 158 3.40 -17.32 -3.12
C VAL A 158 4.26 -16.05 -3.28
N PHE A 159 4.88 -15.59 -2.21
CA PHE A 159 5.61 -14.31 -2.16
C PHE A 159 6.76 -14.37 -3.17
N ALA A 160 7.55 -15.46 -3.16
CA ALA A 160 8.61 -15.74 -4.16
C ALA A 160 9.70 -14.69 -4.11
N GLY A 161 9.97 -14.10 -2.97
CA GLY A 161 10.99 -13.07 -2.85
C GLY A 161 10.79 -12.22 -1.62
N PRO A 162 11.70 -11.31 -1.33
CA PRO A 162 11.51 -10.32 -0.29
C PRO A 162 10.27 -9.47 -0.61
N LEU A 163 9.61 -9.03 0.45
CA LEU A 163 8.38 -8.16 0.38
C LEU A 163 8.72 -6.75 0.82
N ARG A 164 8.06 -5.78 0.17
CA ARG A 164 8.12 -4.37 0.56
C ARG A 164 6.72 -3.81 0.79
N PRO A 165 6.55 -2.95 1.81
CA PRO A 165 5.28 -2.21 1.93
C PRO A 165 5.03 -1.41 0.63
N PHE A 166 3.77 -1.42 0.19
CA PHE A 166 3.34 -0.83 -1.09
C PHE A 166 2.24 0.21 -0.84
N PHE A 167 2.33 1.33 -1.59
CA PHE A 167 1.41 2.49 -1.45
C PHE A 167 1.11 3.07 -2.83
N ASN A 168 -0.14 3.47 -3.04
CA ASN A 168 -0.56 4.30 -4.18
C ASN A 168 -1.44 5.39 -3.62
N VAL A 169 -1.06 6.67 -3.75
CA VAL A 169 -1.89 7.79 -3.25
C VAL A 169 -3.04 8.09 -4.21
N GLY A 170 -3.02 7.51 -5.41
CA GLY A 170 -4.05 7.78 -6.43
C GLY A 170 -3.85 9.10 -7.12
N PHE A 171 -4.44 9.19 -8.32
CA PHE A 171 -4.52 10.46 -9.08
C PHE A 171 -5.43 11.44 -8.37
N ASN A 172 -5.34 12.68 -8.80
CA ASN A 172 -6.24 13.74 -8.27
C ASN A 172 -6.82 14.50 -9.47
N TYR A 173 -7.43 13.82 -10.40
CA TYR A 173 -8.20 14.45 -11.50
C TYR A 173 -9.41 15.17 -10.94
N SER A 174 -10.02 14.74 -9.85
CA SER A 174 -11.29 15.29 -9.32
C SER A 174 -11.06 16.56 -8.47
N GLY A 175 -9.86 16.80 -8.00
CA GLY A 175 -9.64 17.85 -6.99
C GLY A 175 -10.09 17.43 -5.60
N GLY A 176 -10.57 16.20 -5.42
CA GLY A 176 -11.02 15.70 -4.10
C GLY A 176 -10.10 14.66 -3.49
N ASN A 177 -8.98 14.37 -4.11
CA ASN A 177 -8.09 13.27 -3.64
C ASN A 177 -6.67 13.77 -3.34
N ALA A 178 -6.51 15.01 -2.89
CA ALA A 178 -5.17 15.56 -2.60
C ALA A 178 -4.59 15.06 -1.27
N ALA A 179 -5.43 14.59 -0.38
CA ALA A 179 -4.95 14.26 0.99
C ALA A 179 -3.85 13.18 0.95
N PRO A 180 -2.96 13.20 1.94
CA PRO A 180 -1.85 12.23 1.99
C PRO A 180 -2.27 10.82 2.51
N LEU A 181 -1.43 9.83 2.20
CA LEU A 181 -1.34 8.62 3.03
C LEU A 181 -0.36 8.89 4.15
N LYS A 182 -0.67 8.44 5.36
CA LYS A 182 0.21 8.69 6.54
C LYS A 182 0.43 7.37 7.26
N LEU A 183 1.66 7.05 7.56
CA LEU A 183 1.96 5.89 8.45
C LEU A 183 1.70 6.30 9.90
N CYS A 184 0.82 5.58 10.58
CA CYS A 184 0.36 5.94 11.95
C CYS A 184 1.36 5.47 12.98
N PRO A 185 1.50 6.23 14.08
CA PRO A 185 2.44 5.87 15.14
C PRO A 185 1.94 4.59 15.82
N LEU A 186 2.91 3.77 16.22
CA LEU A 186 2.83 2.63 17.16
C LEU A 186 2.29 3.07 18.51
C1 EDO B . -3.99 14.19 -11.73
O1 EDO B . -3.43 13.77 -10.50
C2 EDO B . -3.16 14.03 -12.94
O2 EDO B . -1.88 14.58 -12.81
N1 A1BFZ C . 3.66 9.95 -13.58
N3 A1BFZ C . 0.23 11.42 -15.50
C4 A1BFZ C . 1.63 11.30 -13.82
C5 A1BFZ C . 1.07 12.54 -13.87
C6 A1BFZ C . -0.61 11.15 -16.65
C7 A1BFZ C . 1.09 10.58 -14.86
C8 A1BFZ C . 1.30 9.17 -15.31
C1 A1BFZ C . 1.98 9.86 -11.80
C2 A1BFZ C . 2.65 10.74 -12.86
C3 A1BFZ C . 4.76 11.19 -15.72
N2 A1BFZ C . 0.22 12.63 -14.89
O1 A1BFZ C . 6.04 9.55 -14.19
O2 A1BFZ C . 5.33 11.71 -13.24
S1 A1BFZ C . 5.05 10.59 -14.09
C1 EDO D . 3.15 4.34 -24.33
O1 EDO D . 3.41 4.13 -22.94
C2 EDO D . 1.72 4.32 -24.67
O2 EDO D . 0.91 5.00 -23.74
S SO4 E . -1.30 -7.11 -16.75
O1 SO4 E . -0.30 -6.48 -15.95
O2 SO4 E . -0.80 -7.36 -18.06
O3 SO4 E . -1.65 -8.36 -16.11
O4 SO4 E . -2.50 -6.28 -16.82
#